data_2OND
#
_entry.id   2OND
#
_cell.length_a   155.400
_cell.length_b   155.400
_cell.length_c   161.600
_cell.angle_alpha   90.00
_cell.angle_beta   90.00
_cell.angle_gamma   120.00
#
_symmetry.space_group_name_H-M   'P 61 2 2'
#
_entity_poly.entity_id   1
_entity_poly.type   'polypeptide(L)'
_entity_poly.pdbx_seq_one_letter_code
;TPQEAQQVD(MSE)WKKYIQWEKSNPLRTEDQTLITKRV(MSE)FAYEQCLLVLGHHPDIWYEAAQYLEQSSKLLAEKGD
(MSE)NNAKLFSDEAANIYERAISTLLKKN(MSE)LLYFAYADYEESR(MSE)KYEKVHSIYNRLLAIEDIDPTLVYIQY
(MSE)KFARRAEGIKSGR(MSE)IFKKAREDARTRHHVYVTAAL(MSE)EYYCSKDKSVAFKIFELGLKKYGDIPEYVLA
YIDYLSHLNEDNNTRVLFERVLTSGSLPPEKSGEIWARFLAFESNIGDLASILKVEKRRFTAFREEYEGKETALLVDRYK
F(MSE)DLYPCSASELKALGYKDV
;
_entity_poly.pdbx_strand_id   A,B
#
# COMPACT_ATOMS: atom_id res chain seq x y z
N THR A 1 25.48 -13.32 14.32
CA THR A 1 26.43 -13.03 15.44
C THR A 1 27.31 -11.83 15.14
N PRO A 2 27.63 -11.02 16.16
CA PRO A 2 28.46 -9.82 16.03
C PRO A 2 29.88 -10.12 15.53
N GLN A 3 30.43 -11.25 15.99
CA GLN A 3 31.76 -11.67 15.59
C GLN A 3 31.84 -11.97 14.10
N GLU A 4 30.80 -12.63 13.58
CA GLU A 4 30.76 -12.99 12.16
C GLU A 4 30.67 -11.74 11.30
N ALA A 5 30.02 -10.70 11.82
CA ALA A 5 29.89 -9.46 11.08
C ALA A 5 31.29 -8.91 10.81
N GLN A 6 32.19 -9.15 11.75
CA GLN A 6 33.56 -8.67 11.62
C GLN A 6 34.36 -9.49 10.63
N GLN A 7 34.08 -10.78 10.55
CA GLN A 7 34.78 -11.63 9.62
C GLN A 7 34.39 -11.17 8.24
N VAL A 8 33.08 -11.08 8.02
CA VAL A 8 32.56 -10.67 6.73
C VAL A 8 33.18 -9.35 6.31
N ASP A 9 33.41 -8.46 7.27
CA ASP A 9 34.00 -7.18 6.92
C ASP A 9 35.48 -7.27 6.63
N TRP A 11 36.87 -9.76 5.32
CA TRP A 11 36.95 -10.37 4.01
C TRP A 11 36.60 -9.38 2.94
N LYS A 12 35.53 -8.63 3.15
CA LYS A 12 35.11 -7.66 2.16
C LYS A 12 36.10 -6.52 2.06
N LYS A 13 36.61 -6.08 3.20
CA LYS A 13 37.57 -4.99 3.17
C LYS A 13 38.86 -5.45 2.51
N TYR A 14 39.22 -6.71 2.71
CA TYR A 14 40.42 -7.27 2.09
C TYR A 14 40.20 -7.41 0.58
N ILE A 15 39.05 -7.93 0.18
CA ILE A 15 38.75 -8.11 -1.23
C ILE A 15 38.75 -6.75 -1.93
N GLN A 16 38.27 -5.72 -1.22
CA GLN A 16 38.25 -4.37 -1.78
C GLN A 16 39.67 -3.94 -2.09
N TRP A 17 40.56 -4.06 -1.11
CA TRP A 17 41.97 -3.70 -1.29
C TRP A 17 42.51 -4.39 -2.53
N GLU A 18 42.11 -5.64 -2.72
CA GLU A 18 42.56 -6.43 -3.85
C GLU A 18 41.98 -5.89 -5.14
N LYS A 19 40.77 -5.37 -5.07
CA LYS A 19 40.15 -4.83 -6.27
C LYS A 19 40.74 -3.49 -6.66
N SER A 20 41.40 -2.82 -5.72
CA SER A 20 42.02 -1.52 -6.02
C SER A 20 43.40 -1.73 -6.64
N ASN A 21 43.53 -2.78 -7.42
CA ASN A 21 44.76 -3.14 -8.11
C ASN A 21 46.04 -2.72 -7.40
N PRO A 22 46.35 -3.36 -6.27
CA PRO A 22 47.58 -3.02 -5.53
C PRO A 22 48.84 -3.15 -6.38
N LEU A 23 48.84 -4.13 -7.27
CA LEU A 23 50.00 -4.34 -8.14
C LEU A 23 50.22 -3.11 -9.02
N ARG A 24 49.24 -2.22 -9.06
CA ARG A 24 49.32 -1.03 -9.89
C ARG A 24 49.42 -1.47 -11.35
N THR A 25 49.16 -2.75 -11.59
CA THR A 25 49.24 -3.31 -12.93
C THR A 25 48.22 -2.73 -13.86
N GLU A 26 48.17 -3.28 -15.07
CA GLU A 26 47.23 -2.85 -16.09
C GLU A 26 46.66 -4.07 -16.81
N ASP A 27 47.22 -5.24 -16.51
CA ASP A 27 46.74 -6.48 -17.12
C ASP A 27 45.51 -6.88 -16.32
N GLN A 28 44.34 -6.46 -16.80
CA GLN A 28 43.09 -6.75 -16.13
C GLN A 28 42.87 -8.22 -15.78
N THR A 29 43.25 -9.11 -16.69
CA THR A 29 43.08 -10.54 -16.45
C THR A 29 43.89 -11.02 -15.26
N LEU A 30 44.87 -10.23 -14.84
CA LEU A 30 45.70 -10.60 -13.72
C LEU A 30 45.10 -10.08 -12.43
N ILE A 31 44.47 -8.91 -12.51
CA ILE A 31 43.82 -8.33 -11.34
C ILE A 31 42.68 -9.27 -10.98
N THR A 32 41.83 -9.53 -11.97
CA THR A 32 40.69 -10.41 -11.78
C THR A 32 41.10 -11.75 -11.22
N LYS A 33 42.27 -12.26 -11.62
CA LYS A 33 42.74 -13.53 -11.10
C LYS A 33 43.06 -13.41 -9.61
N ARG A 34 43.62 -12.28 -9.20
CA ARG A 34 43.98 -12.07 -7.81
C ARG A 34 42.74 -11.87 -6.96
N VAL A 35 41.78 -11.13 -7.51
CA VAL A 35 40.52 -10.88 -6.83
C VAL A 35 39.75 -12.19 -6.60
N PHE A 37 40.95 -15.26 -6.55
CA PHE A 37 41.64 -16.10 -5.60
C PHE A 37 41.15 -15.72 -4.22
N ALA A 38 41.02 -14.41 -4.00
CA ALA A 38 40.57 -13.89 -2.71
C ALA A 38 39.14 -14.35 -2.42
N TYR A 39 38.26 -14.25 -3.42
CA TYR A 39 36.89 -14.69 -3.23
C TYR A 39 36.86 -16.17 -2.87
N GLU A 40 37.71 -16.95 -3.53
CA GLU A 40 37.79 -18.38 -3.26
C GLU A 40 38.15 -18.60 -1.81
N GLN A 41 39.21 -17.95 -1.37
CA GLN A 41 39.64 -18.09 0.01
C GLN A 41 38.48 -17.75 0.93
N CYS A 42 37.69 -16.76 0.54
CA CYS A 42 36.54 -16.32 1.31
C CYS A 42 35.42 -17.38 1.32
N LEU A 43 35.09 -17.90 0.14
CA LEU A 43 34.06 -18.90 0.04
C LEU A 43 34.35 -20.16 0.88
N LEU A 44 35.60 -20.37 1.26
CA LEU A 44 35.91 -21.55 2.06
C LEU A 44 35.40 -21.45 3.49
N VAL A 45 35.11 -20.24 3.95
CA VAL A 45 34.63 -20.06 5.32
C VAL A 45 33.38 -19.21 5.42
N LEU A 46 32.89 -18.74 4.28
CA LEU A 46 31.69 -17.93 4.24
C LEU A 46 30.83 -18.43 3.08
N GLY A 47 30.98 -19.70 2.76
CA GLY A 47 30.23 -20.29 1.66
C GLY A 47 28.72 -20.28 1.84
N HIS A 48 28.27 -19.93 3.04
CA HIS A 48 26.85 -19.90 3.32
C HIS A 48 26.24 -18.53 3.13
N HIS A 49 27.03 -17.57 2.66
CA HIS A 49 26.55 -16.22 2.43
C HIS A 49 26.22 -16.00 0.97
N PRO A 50 24.94 -15.74 0.66
CA PRO A 50 24.52 -15.50 -0.72
C PRO A 50 25.29 -14.34 -1.36
N ASP A 51 25.47 -13.28 -0.60
CA ASP A 51 26.16 -12.11 -1.11
C ASP A 51 27.58 -12.41 -1.58
N ILE A 52 28.34 -13.19 -0.80
CA ILE A 52 29.68 -13.51 -1.24
C ILE A 52 29.66 -14.13 -2.65
N TRP A 53 28.83 -15.16 -2.85
CA TRP A 53 28.76 -15.78 -4.16
C TRP A 53 28.30 -14.78 -5.21
N TYR A 54 27.26 -14.01 -4.88
CA TYR A 54 26.72 -13.02 -5.81
C TYR A 54 27.73 -11.97 -6.24
N GLU A 55 28.40 -11.35 -5.27
CA GLU A 55 29.37 -10.32 -5.61
C GLU A 55 30.52 -10.87 -6.44
N ALA A 56 30.98 -12.08 -6.10
CA ALA A 56 32.04 -12.70 -6.87
C ALA A 56 31.54 -12.87 -8.32
N ALA A 57 30.37 -13.48 -8.50
CA ALA A 57 29.85 -13.66 -9.86
C ALA A 57 29.69 -12.30 -10.53
N GLN A 58 29.27 -11.31 -9.75
CA GLN A 58 29.10 -9.96 -10.28
C GLN A 58 30.42 -9.42 -10.77
N TYR A 59 31.50 -9.72 -10.04
CA TYR A 59 32.82 -9.25 -10.43
C TYR A 59 33.28 -9.83 -11.76
N LEU A 60 33.22 -11.14 -11.93
CA LEU A 60 33.64 -11.73 -13.19
C LEU A 60 32.80 -11.15 -14.33
N GLU A 61 31.55 -10.78 -14.02
CA GLU A 61 30.65 -10.20 -15.01
C GLU A 61 31.23 -8.87 -15.48
N GLN A 62 31.52 -7.96 -14.56
CA GLN A 62 32.08 -6.67 -14.93
C GLN A 62 33.45 -6.83 -15.56
N SER A 63 34.24 -7.75 -15.04
CA SER A 63 35.57 -7.98 -15.62
C SER A 63 35.43 -8.32 -17.10
N SER A 64 34.74 -9.41 -17.40
CA SER A 64 34.51 -9.83 -18.77
C SER A 64 34.10 -8.65 -19.65
N LYS A 65 33.28 -7.77 -19.11
CA LYS A 65 32.84 -6.61 -19.87
C LYS A 65 34.02 -5.72 -20.25
N LEU A 66 34.91 -5.48 -19.29
CA LEU A 66 36.08 -4.65 -19.54
C LEU A 66 37.01 -5.21 -20.61
N LEU A 67 37.37 -6.48 -20.48
CA LEU A 67 38.26 -7.10 -21.44
C LEU A 67 37.64 -7.05 -22.83
N ALA A 68 36.32 -7.11 -22.90
CA ALA A 68 35.64 -7.05 -24.19
C ALA A 68 35.77 -5.65 -24.78
N GLU A 69 35.41 -4.64 -23.99
CA GLU A 69 35.48 -3.24 -24.43
C GLU A 69 36.90 -2.88 -24.85
N LYS A 70 37.88 -3.48 -24.19
CA LYS A 70 39.28 -3.24 -24.53
C LYS A 70 39.76 -4.27 -25.54
N GLY A 71 38.88 -4.66 -26.45
CA GLY A 71 39.26 -5.62 -27.48
C GLY A 71 39.38 -7.10 -27.14
N ASP A 72 40.18 -7.45 -26.14
CA ASP A 72 40.37 -8.85 -25.75
C ASP A 72 39.07 -9.64 -25.73
N ASN A 74 39.08 -13.32 -26.07
CA ASN A 74 39.35 -14.62 -25.46
C ASN A 74 39.06 -14.64 -23.97
N ASN A 75 39.58 -13.67 -23.24
CA ASN A 75 39.36 -13.60 -21.81
C ASN A 75 37.96 -13.10 -21.49
N ALA A 76 37.31 -12.46 -22.46
CA ALA A 76 35.97 -11.97 -22.24
C ALA A 76 35.02 -13.17 -22.13
N LYS A 77 35.34 -14.26 -22.81
CA LYS A 77 34.50 -15.45 -22.75
C LYS A 77 34.86 -16.28 -21.52
N LEU A 78 36.15 -16.43 -21.24
CA LEU A 78 36.60 -17.21 -20.10
C LEU A 78 36.01 -16.71 -18.79
N PHE A 79 35.95 -15.38 -18.64
CA PHE A 79 35.42 -14.78 -17.42
C PHE A 79 33.91 -14.77 -17.39
N SER A 80 33.31 -14.68 -18.57
CA SER A 80 31.85 -14.69 -18.70
C SER A 80 31.38 -16.07 -18.28
N ASP A 81 32.06 -17.09 -18.79
CA ASP A 81 31.71 -18.46 -18.46
C ASP A 81 32.01 -18.81 -17.02
N GLU A 82 33.04 -18.19 -16.46
CA GLU A 82 33.43 -18.49 -15.09
C GLU A 82 32.40 -17.96 -14.12
N ALA A 83 31.76 -16.85 -14.50
CA ALA A 83 30.74 -16.26 -13.66
C ALA A 83 29.63 -17.31 -13.47
N ALA A 84 29.18 -17.88 -14.58
CA ALA A 84 28.13 -18.87 -14.54
C ALA A 84 28.54 -20.07 -13.69
N ASN A 85 29.82 -20.40 -13.67
CA ASN A 85 30.23 -21.54 -12.86
C ASN A 85 30.13 -21.17 -11.39
N ILE A 86 30.24 -19.88 -11.09
CA ILE A 86 30.16 -19.42 -9.70
C ILE A 86 28.74 -19.69 -9.23
N TYR A 87 27.78 -19.30 -10.04
CA TYR A 87 26.38 -19.53 -9.71
C TYR A 87 26.14 -21.02 -9.55
N GLU A 88 26.64 -21.81 -10.49
CA GLU A 88 26.46 -23.26 -10.42
C GLU A 88 27.01 -23.84 -9.15
N ARG A 89 28.22 -23.44 -8.77
CA ARG A 89 28.78 -24.00 -7.54
C ARG A 89 27.89 -23.61 -6.38
N ALA A 90 27.44 -22.35 -6.39
CA ALA A 90 26.59 -21.80 -5.34
C ALA A 90 25.39 -22.69 -5.07
N ILE A 91 24.53 -22.85 -6.07
CA ILE A 91 23.34 -23.64 -5.89
C ILE A 91 23.59 -25.15 -5.90
N SER A 92 24.80 -25.58 -6.31
CA SER A 92 25.12 -27.01 -6.35
C SER A 92 25.72 -27.56 -5.06
N THR A 93 25.81 -26.73 -4.03
CA THR A 93 26.42 -27.20 -2.78
C THR A 93 25.90 -26.56 -1.51
N LEU A 94 26.55 -25.47 -1.13
CA LEU A 94 26.21 -24.74 0.08
C LEU A 94 24.87 -24.03 0.15
N LEU A 95 24.30 -23.66 -0.99
CA LEU A 95 23.03 -22.95 -1.01
C LEU A 95 22.03 -23.52 -2.00
N LYS A 96 21.81 -24.84 -1.93
CA LYS A 96 20.93 -25.56 -2.84
C LYS A 96 19.50 -25.06 -3.02
N LYS A 97 18.92 -24.43 -2.01
CA LYS A 97 17.55 -23.96 -2.17
C LYS A 97 17.44 -22.45 -2.13
N ASN A 98 18.56 -21.75 -2.32
CA ASN A 98 18.55 -20.30 -2.26
C ASN A 98 17.94 -19.66 -3.50
N LEU A 100 17.24 -16.63 -4.22
CA LEU A 100 17.93 -15.44 -4.67
C LEU A 100 19.02 -15.73 -5.68
N LEU A 101 19.87 -16.72 -5.40
CA LEU A 101 20.93 -17.06 -6.33
C LEU A 101 20.40 -17.74 -7.58
N TYR A 102 19.38 -18.59 -7.44
CA TYR A 102 18.78 -19.25 -8.59
C TYR A 102 18.31 -18.17 -9.54
N PHE A 103 17.59 -17.17 -9.00
CA PHE A 103 17.08 -16.07 -9.81
C PHE A 103 18.21 -15.26 -10.44
N ALA A 104 19.29 -15.05 -9.68
CA ALA A 104 20.42 -14.28 -10.19
C ALA A 104 21.04 -15.01 -11.37
N TYR A 105 21.25 -16.30 -11.17
CA TYR A 105 21.80 -17.21 -12.17
C TYR A 105 20.89 -17.20 -13.41
N ALA A 106 19.58 -17.32 -13.20
CA ALA A 106 18.65 -17.32 -14.31
C ALA A 106 18.85 -16.06 -15.14
N ASP A 107 18.79 -14.92 -14.47
CA ASP A 107 18.95 -13.63 -15.13
C ASP A 107 20.26 -13.50 -15.86
N TYR A 108 21.33 -14.03 -15.27
CA TYR A 108 22.62 -13.94 -15.92
C TYR A 108 22.61 -14.69 -17.25
N GLU A 109 22.11 -15.92 -17.26
CA GLU A 109 22.05 -16.71 -18.49
C GLU A 109 21.06 -16.14 -19.50
N GLU A 110 20.03 -15.45 -19.00
CA GLU A 110 19.04 -14.84 -19.89
C GLU A 110 19.75 -13.70 -20.59
N SER A 111 20.54 -12.94 -19.84
CA SER A 111 21.25 -11.82 -20.45
C SER A 111 22.21 -12.34 -21.51
N ARG A 112 22.69 -13.56 -21.35
CA ARG A 112 23.59 -14.14 -22.34
C ARG A 112 22.82 -14.90 -23.42
N LYS A 114 21.08 -17.59 -23.31
CA LYS A 114 20.97 -19.05 -23.22
C LYS A 114 19.62 -19.42 -22.60
N TYR A 115 18.55 -19.21 -23.37
CA TYR A 115 17.22 -19.50 -22.88
C TYR A 115 16.95 -20.91 -22.37
N GLU A 116 17.48 -21.92 -23.05
CA GLU A 116 17.25 -23.28 -22.59
C GLU A 116 17.96 -23.43 -21.26
N LYS A 117 19.12 -22.82 -21.17
CA LYS A 117 19.89 -22.90 -19.95
C LYS A 117 19.06 -22.32 -18.80
N VAL A 118 18.29 -21.27 -19.11
CA VAL A 118 17.41 -20.60 -18.13
C VAL A 118 16.30 -21.53 -17.70
N HIS A 119 15.54 -22.03 -18.69
CA HIS A 119 14.46 -22.96 -18.44
C HIS A 119 14.93 -24.07 -17.49
N SER A 120 16.13 -24.58 -17.69
CA SER A 120 16.58 -25.68 -16.84
C SER A 120 16.90 -25.23 -15.43
N ILE A 121 17.24 -23.95 -15.27
CA ILE A 121 17.53 -23.44 -13.94
C ILE A 121 16.25 -23.33 -13.13
N TYR A 122 15.22 -22.69 -13.68
CA TYR A 122 13.97 -22.56 -12.96
C TYR A 122 13.38 -23.93 -12.60
N ASN A 123 13.35 -24.83 -13.58
CA ASN A 123 12.79 -26.14 -13.35
C ASN A 123 13.58 -26.95 -12.37
N ARG A 124 14.86 -26.64 -12.27
CA ARG A 124 15.72 -27.36 -11.35
C ARG A 124 15.26 -27.00 -9.94
N LEU A 125 14.99 -25.72 -9.74
CA LEU A 125 14.53 -25.24 -8.45
C LEU A 125 13.18 -25.85 -8.12
N LEU A 126 12.24 -25.72 -9.05
CA LEU A 126 10.90 -26.26 -8.88
C LEU A 126 10.91 -27.74 -8.52
N ALA A 127 11.88 -28.49 -9.03
CA ALA A 127 11.93 -29.91 -8.76
C ALA A 127 12.34 -30.25 -7.32
N ILE A 128 12.78 -29.24 -6.59
CA ILE A 128 13.15 -29.42 -5.19
C ILE A 128 11.81 -29.36 -4.43
N GLU A 129 11.33 -30.52 -3.96
CA GLU A 129 10.04 -30.60 -3.27
C GLU A 129 9.72 -29.65 -2.11
N ASP A 130 10.67 -29.43 -1.20
CA ASP A 130 10.40 -28.58 -0.04
C ASP A 130 10.68 -27.10 -0.15
N ILE A 131 9.99 -26.42 -1.06
CA ILE A 131 10.13 -24.97 -1.21
C ILE A 131 8.78 -24.44 -1.68
N ASP A 132 8.57 -23.13 -1.52
CA ASP A 132 7.33 -22.54 -1.96
C ASP A 132 7.61 -21.90 -3.32
N PRO A 133 7.23 -22.61 -4.39
CA PRO A 133 7.41 -22.21 -5.80
C PRO A 133 6.67 -20.97 -6.26
N THR A 134 5.74 -20.48 -5.46
CA THR A 134 4.98 -19.33 -5.90
C THR A 134 5.83 -18.24 -6.50
N LEU A 135 6.80 -17.74 -5.76
CA LEU A 135 7.64 -16.66 -6.28
C LEU A 135 8.48 -17.15 -7.46
N VAL A 136 8.83 -18.44 -7.45
CA VAL A 136 9.63 -19.03 -8.54
C VAL A 136 8.84 -19.01 -9.84
N TYR A 137 7.57 -19.44 -9.82
CA TYR A 137 6.75 -19.43 -11.03
C TYR A 137 6.60 -18.02 -11.58
N ILE A 138 6.50 -17.05 -10.67
CA ILE A 138 6.35 -15.67 -11.07
C ILE A 138 7.58 -15.23 -11.88
N GLN A 139 8.77 -15.49 -11.35
CA GLN A 139 9.97 -15.13 -12.07
C GLN A 139 10.01 -15.85 -13.41
N TYR A 140 9.75 -17.15 -13.36
CA TYR A 140 9.73 -17.99 -14.54
C TYR A 140 8.76 -17.40 -15.57
N LYS A 142 7.68 -14.29 -15.82
CA LYS A 142 8.18 -13.01 -16.32
C LYS A 142 9.27 -13.23 -17.36
N PHE A 143 10.00 -14.32 -17.21
CA PHE A 143 11.05 -14.64 -18.16
C PHE A 143 10.43 -15.19 -19.44
N ALA A 144 9.61 -16.24 -19.36
CA ALA A 144 9.01 -16.79 -20.57
C ALA A 144 8.41 -15.72 -21.49
N ARG A 145 7.57 -14.86 -20.92
CA ARG A 145 6.88 -13.81 -21.66
C ARG A 145 7.89 -12.88 -22.29
N ARG A 146 8.80 -12.41 -21.45
CA ARG A 146 9.85 -11.47 -21.83
C ARG A 146 10.79 -11.92 -22.94
N ALA A 147 11.13 -13.21 -22.97
CA ALA A 147 12.04 -13.74 -23.96
C ALA A 147 11.42 -14.64 -25.03
N GLU A 148 10.23 -15.18 -24.78
CA GLU A 148 9.62 -16.05 -25.75
C GLU A 148 8.16 -15.69 -26.08
N GLY A 149 7.69 -14.57 -25.54
CA GLY A 149 6.34 -14.12 -25.81
C GLY A 149 5.23 -14.58 -24.88
N ILE A 150 4.04 -14.02 -25.09
CA ILE A 150 2.84 -14.32 -24.31
C ILE A 150 2.59 -15.82 -24.14
N LYS A 151 2.46 -16.52 -25.26
CA LYS A 151 2.19 -17.95 -25.24
C LYS A 151 3.12 -18.71 -24.31
N SER A 152 4.39 -18.32 -24.28
CA SER A 152 5.37 -18.97 -23.42
C SER A 152 4.99 -18.73 -21.96
N GLY A 153 4.71 -17.48 -21.61
CA GLY A 153 4.31 -17.17 -20.25
C GLY A 153 3.09 -17.98 -19.85
N ARG A 154 2.08 -18.02 -20.72
CA ARG A 154 0.88 -18.78 -20.39
C ARG A 154 1.17 -20.22 -20.06
N ILE A 156 3.87 -21.37 -18.67
CA ILE A 156 4.46 -21.42 -17.35
C ILE A 156 3.35 -21.24 -16.32
N PHE A 157 2.39 -20.36 -16.61
CA PHE A 157 1.29 -20.13 -15.69
C PHE A 157 0.55 -21.45 -15.51
N LYS A 158 0.22 -22.09 -16.62
CA LYS A 158 -0.49 -23.36 -16.56
C LYS A 158 0.27 -24.39 -15.73
N LYS A 159 1.59 -24.39 -15.85
CA LYS A 159 2.41 -25.33 -15.10
C LYS A 159 2.27 -24.96 -13.62
N ALA A 160 2.02 -23.68 -13.35
CA ALA A 160 1.89 -23.18 -11.99
C ALA A 160 0.55 -23.54 -11.35
N ARG A 161 -0.54 -23.43 -12.09
CA ARG A 161 -1.84 -23.75 -11.52
C ARG A 161 -1.92 -25.24 -11.19
N GLU A 162 -1.19 -26.04 -11.94
CA GLU A 162 -1.22 -27.47 -11.74
C GLU A 162 -0.31 -27.98 -10.64
N ASP A 163 0.45 -27.08 -10.02
CA ASP A 163 1.33 -27.46 -8.92
C ASP A 163 0.58 -27.17 -7.61
N ALA A 164 0.31 -28.22 -6.85
CA ALA A 164 -0.43 -28.06 -5.59
C ALA A 164 0.17 -27.05 -4.62
N ARG A 165 1.48 -26.81 -4.70
CA ARG A 165 2.10 -25.87 -3.78
C ARG A 165 1.88 -24.40 -4.12
N THR A 166 1.63 -24.09 -5.39
CA THR A 166 1.43 -22.70 -5.77
C THR A 166 0.33 -22.03 -4.98
N ARG A 167 0.52 -20.74 -4.69
CA ARG A 167 -0.47 -20.00 -3.95
C ARG A 167 -1.11 -18.96 -4.87
N HIS A 168 -2.06 -18.21 -4.33
CA HIS A 168 -2.78 -17.23 -5.10
C HIS A 168 -2.00 -16.16 -5.85
N HIS A 169 -0.81 -15.78 -5.36
CA HIS A 169 -0.07 -14.70 -6.03
C HIS A 169 0.14 -14.92 -7.51
N VAL A 170 0.24 -16.20 -7.89
CA VAL A 170 0.47 -16.52 -9.28
C VAL A 170 -0.71 -16.10 -10.17
N TYR A 171 -1.93 -16.17 -9.66
CA TYR A 171 -3.07 -15.74 -10.46
C TYR A 171 -3.01 -14.24 -10.65
N VAL A 172 -2.74 -13.51 -9.57
CA VAL A 172 -2.62 -12.06 -9.64
C VAL A 172 -1.59 -11.71 -10.71
N THR A 173 -0.39 -12.27 -10.60
CA THR A 173 0.65 -12.00 -11.57
C THR A 173 0.19 -12.26 -13.01
N ALA A 174 -0.42 -13.42 -13.23
CA ALA A 174 -0.89 -13.77 -14.57
C ALA A 174 -1.94 -12.77 -15.06
N ALA A 175 -3.00 -12.56 -14.26
CA ALA A 175 -4.05 -11.62 -14.66
C ALA A 175 -3.48 -10.25 -15.04
N LEU A 176 -2.70 -9.65 -14.15
CA LEU A 176 -2.12 -8.36 -14.45
C LEU A 176 -1.26 -8.39 -15.71
N GLU A 178 -1.64 -10.17 -18.36
CA GLU A 178 -2.57 -10.08 -19.49
C GLU A 178 -3.05 -8.63 -19.66
N TYR A 179 -3.32 -7.97 -18.55
CA TYR A 179 -3.77 -6.59 -18.59
C TYR A 179 -2.71 -5.58 -19.02
N TYR A 180 -1.52 -5.65 -18.41
CA TYR A 180 -0.45 -4.70 -18.73
C TYR A 180 0.29 -4.91 -20.03
N CYS A 181 0.61 -6.17 -20.33
CA CYS A 181 1.35 -6.51 -21.53
C CYS A 181 0.44 -6.82 -22.71
N SER A 182 -0.52 -7.71 -22.51
CA SER A 182 -1.43 -8.07 -23.59
C SER A 182 -2.50 -7.00 -23.76
N LYS A 183 -2.58 -6.09 -22.79
CA LYS A 183 -3.57 -5.03 -22.87
C LYS A 183 -4.95 -5.65 -23.07
N ASP A 184 -5.20 -6.78 -22.42
CA ASP A 184 -6.48 -7.48 -22.58
C ASP A 184 -7.30 -7.67 -21.30
N LYS A 185 -8.25 -6.77 -21.09
CA LYS A 185 -9.14 -6.79 -19.92
C LYS A 185 -9.94 -8.07 -19.82
N SER A 186 -10.34 -8.58 -20.98
CA SER A 186 -11.14 -9.80 -21.10
C SER A 186 -10.53 -11.01 -20.41
N VAL A 187 -9.25 -11.24 -20.67
CA VAL A 187 -8.53 -12.38 -20.10
C VAL A 187 -8.16 -12.08 -18.65
N ALA A 188 -7.82 -10.83 -18.40
CA ALA A 188 -7.47 -10.40 -17.05
C ALA A 188 -8.66 -10.79 -16.19
N PHE A 189 -9.85 -10.40 -16.62
CA PHE A 189 -11.06 -10.73 -15.88
C PHE A 189 -11.22 -12.25 -15.72
N LYS A 190 -10.93 -13.00 -16.78
CA LYS A 190 -11.08 -14.44 -16.72
C LYS A 190 -10.16 -15.09 -15.69
N ILE A 191 -8.87 -14.73 -15.70
CA ILE A 191 -7.93 -15.33 -14.74
C ILE A 191 -8.28 -14.93 -13.30
N PHE A 192 -8.60 -13.66 -13.08
CA PHE A 192 -8.94 -13.20 -11.74
C PHE A 192 -10.17 -13.96 -11.26
N GLU A 193 -11.17 -14.09 -12.13
CA GLU A 193 -12.38 -14.83 -11.78
C GLU A 193 -12.03 -16.26 -11.40
N LEU A 194 -11.12 -16.85 -12.17
CA LEU A 194 -10.69 -18.22 -11.94
C LEU A 194 -9.98 -18.36 -10.59
N GLY A 195 -9.13 -17.39 -10.25
CA GLY A 195 -8.43 -17.43 -8.99
C GLY A 195 -9.38 -17.19 -7.82
N LEU A 196 -10.39 -16.36 -8.04
CA LEU A 196 -11.38 -16.03 -7.02
C LEU A 196 -12.15 -17.29 -6.64
N LYS A 197 -12.16 -18.23 -7.56
CA LYS A 197 -12.84 -19.50 -7.37
C LYS A 197 -12.20 -20.27 -6.23
N LYS A 198 -10.87 -20.27 -6.12
CA LYS A 198 -10.26 -21.03 -5.04
C LYS A 198 -9.61 -20.21 -3.94
N TYR A 199 -9.56 -18.89 -4.11
CA TYR A 199 -8.96 -18.04 -3.10
C TYR A 199 -9.88 -16.92 -2.67
N GLY A 200 -11.18 -17.19 -2.71
CA GLY A 200 -12.15 -16.18 -2.32
C GLY A 200 -12.10 -15.93 -0.83
N ASP A 201 -11.43 -16.80 -0.09
CA ASP A 201 -11.30 -16.65 1.36
C ASP A 201 -9.96 -16.04 1.79
N ILE A 202 -9.22 -15.47 0.85
CA ILE A 202 -7.92 -14.86 1.12
C ILE A 202 -8.04 -13.36 0.89
N PRO A 203 -8.04 -12.57 1.96
CA PRO A 203 -8.16 -11.13 1.77
C PRO A 203 -7.13 -10.48 0.85
N GLU A 204 -5.87 -10.92 0.89
CA GLU A 204 -4.89 -10.29 0.01
C GLU A 204 -5.17 -10.61 -1.46
N TYR A 205 -5.70 -11.78 -1.78
CA TYR A 205 -6.03 -12.05 -3.17
C TYR A 205 -7.23 -11.18 -3.58
N VAL A 206 -8.31 -11.29 -2.80
CA VAL A 206 -9.52 -10.52 -3.06
C VAL A 206 -9.22 -9.02 -3.17
N LEU A 207 -8.39 -8.52 -2.25
CA LEU A 207 -8.01 -7.11 -2.28
C LEU A 207 -7.25 -6.83 -3.57
N ALA A 208 -6.37 -7.77 -3.96
CA ALA A 208 -5.57 -7.65 -5.18
C ALA A 208 -6.50 -7.52 -6.38
N TYR A 209 -7.55 -8.37 -6.40
CA TYR A 209 -8.53 -8.35 -7.48
C TYR A 209 -9.32 -7.04 -7.43
N ILE A 210 -9.91 -6.73 -6.26
CA ILE A 210 -10.68 -5.49 -6.06
C ILE A 210 -9.92 -4.29 -6.63
N ASP A 211 -8.63 -4.22 -6.29
CA ASP A 211 -7.79 -3.13 -6.74
C ASP A 211 -7.64 -3.00 -8.23
N TYR A 212 -7.52 -4.15 -8.91
CA TYR A 212 -7.36 -4.12 -10.36
C TYR A 212 -8.64 -3.57 -10.99
N LEU A 213 -9.78 -4.07 -10.52
CA LEU A 213 -11.08 -3.64 -11.05
C LEU A 213 -11.43 -2.19 -10.76
N SER A 214 -11.09 -1.72 -9.57
CA SER A 214 -11.38 -0.34 -9.16
C SER A 214 -10.77 0.66 -10.12
N HIS A 215 -9.50 0.47 -10.46
CA HIS A 215 -8.82 1.41 -11.36
C HIS A 215 -9.35 1.43 -12.79
N LEU A 216 -10.22 0.50 -13.15
CA LEU A 216 -10.76 0.55 -14.51
C LEU A 216 -11.71 1.75 -14.55
N ASN A 217 -12.06 2.24 -13.36
CA ASN A 217 -12.92 3.39 -13.18
C ASN A 217 -14.35 3.32 -13.75
N GLU A 218 -15.04 2.22 -13.48
CA GLU A 218 -16.42 2.07 -13.90
C GLU A 218 -17.18 1.65 -12.65
N ASP A 219 -17.71 2.67 -11.97
CA ASP A 219 -18.43 2.53 -10.71
C ASP A 219 -19.28 1.27 -10.56
N ASN A 220 -20.23 1.06 -11.45
CA ASN A 220 -21.07 -0.13 -11.35
C ASN A 220 -20.35 -1.46 -11.23
N ASN A 221 -19.52 -1.79 -12.23
CA ASN A 221 -18.78 -3.05 -12.21
C ASN A 221 -18.03 -3.23 -10.90
N THR A 222 -17.45 -2.12 -10.40
CA THR A 222 -16.69 -2.11 -9.15
C THR A 222 -17.59 -2.48 -7.97
N ARG A 223 -18.79 -1.91 -7.91
CA ARG A 223 -19.72 -2.21 -6.81
C ARG A 223 -20.09 -3.67 -6.81
N VAL A 224 -20.35 -4.22 -8.00
CA VAL A 224 -20.73 -5.61 -8.12
C VAL A 224 -19.66 -6.49 -7.50
N LEU A 225 -18.41 -6.32 -7.96
CA LEU A 225 -17.31 -7.10 -7.41
C LEU A 225 -17.25 -6.99 -5.89
N PHE A 226 -17.39 -5.78 -5.35
CA PHE A 226 -17.35 -5.60 -3.90
C PHE A 226 -18.42 -6.45 -3.21
N GLU A 227 -19.65 -6.35 -3.72
CA GLU A 227 -20.79 -7.10 -3.18
C GLU A 227 -20.46 -8.59 -3.31
N ARG A 228 -20.15 -9.01 -4.52
CA ARG A 228 -19.83 -10.41 -4.76
C ARG A 228 -18.81 -10.98 -3.76
N VAL A 229 -17.65 -10.34 -3.64
CA VAL A 229 -16.62 -10.87 -2.74
C VAL A 229 -16.98 -10.83 -1.26
N LEU A 230 -17.65 -9.76 -0.85
CA LEU A 230 -18.05 -9.61 0.55
C LEU A 230 -19.30 -10.41 0.92
N THR A 231 -20.20 -10.58 -0.03
CA THR A 231 -21.44 -11.25 0.25
C THR A 231 -21.67 -12.64 -0.31
N SER A 232 -20.60 -13.34 -0.68
CA SER A 232 -20.74 -14.68 -1.24
C SER A 232 -20.67 -15.79 -0.19
N GLY A 233 -20.05 -15.51 0.94
CA GLY A 233 -19.92 -16.51 1.97
C GLY A 233 -18.55 -17.17 1.92
N SER A 234 -17.73 -16.74 0.97
CA SER A 234 -16.40 -17.32 0.82
C SER A 234 -15.39 -16.71 1.78
N LEU A 235 -15.49 -15.39 1.96
CA LEU A 235 -14.60 -14.64 2.82
C LEU A 235 -15.16 -14.47 4.24
N PRO A 236 -14.49 -15.05 5.25
CA PRO A 236 -14.99 -14.91 6.63
C PRO A 236 -15.06 -13.43 6.98
N PRO A 237 -15.95 -13.06 7.90
CA PRO A 237 -16.09 -11.65 8.30
C PRO A 237 -14.88 -11.14 9.07
N GLU A 238 -14.26 -12.01 9.87
CA GLU A 238 -13.09 -11.65 10.66
C GLU A 238 -11.98 -11.16 9.76
N LYS A 239 -12.01 -11.60 8.50
CA LYS A 239 -10.98 -11.23 7.56
C LYS A 239 -11.42 -10.20 6.52
N SER A 240 -12.67 -9.78 6.58
CA SER A 240 -13.21 -8.81 5.62
C SER A 240 -12.92 -7.36 5.99
N GLY A 241 -12.26 -7.18 7.13
CA GLY A 241 -11.93 -5.85 7.62
C GLY A 241 -11.56 -4.82 6.56
N GLU A 242 -10.50 -5.10 5.80
CA GLU A 242 -10.09 -4.11 4.81
C GLU A 242 -10.96 -4.04 3.58
N ILE A 243 -11.68 -5.12 3.28
CA ILE A 243 -12.55 -5.08 2.12
C ILE A 243 -13.65 -4.05 2.42
N TRP A 244 -14.15 -4.09 3.65
CA TRP A 244 -15.19 -3.15 4.07
C TRP A 244 -14.63 -1.75 3.97
N ALA A 245 -13.43 -1.57 4.52
CA ALA A 245 -12.76 -0.29 4.47
C ALA A 245 -12.66 0.21 3.03
N ARG A 246 -12.12 -0.61 2.13
CA ARG A 246 -11.98 -0.22 0.72
C ARG A 246 -13.34 0.16 0.17
N PHE A 247 -14.32 -0.71 0.39
CA PHE A 247 -15.67 -0.46 -0.07
C PHE A 247 -16.14 0.91 0.42
N LEU A 248 -15.95 1.17 1.72
CA LEU A 248 -16.38 2.45 2.27
C LEU A 248 -15.74 3.57 1.49
N ALA A 249 -14.40 3.53 1.42
CA ALA A 249 -13.65 4.54 0.69
C ALA A 249 -14.19 4.74 -0.72
N PHE A 250 -14.40 3.64 -1.44
CA PHE A 250 -14.90 3.72 -2.80
C PHE A 250 -16.23 4.48 -2.86
N GLU A 251 -17.15 4.17 -1.93
CA GLU A 251 -18.44 4.84 -1.89
C GLU A 251 -18.27 6.31 -1.53
N SER A 252 -17.16 6.60 -0.86
CA SER A 252 -16.86 7.97 -0.47
C SER A 252 -16.40 8.81 -1.65
N ASN A 253 -15.56 8.24 -2.53
CA ASN A 253 -15.06 9.01 -3.68
C ASN A 253 -16.11 9.33 -4.73
N ILE A 254 -16.95 8.36 -5.07
CA ILE A 254 -17.97 8.58 -6.10
C ILE A 254 -19.42 8.37 -5.67
N GLY A 255 -19.61 7.97 -4.42
CA GLY A 255 -20.97 7.76 -3.94
C GLY A 255 -21.57 8.96 -3.22
N ASP A 256 -22.57 8.68 -2.39
CA ASP A 256 -23.27 9.71 -1.61
C ASP A 256 -23.24 9.30 -0.14
N LEU A 257 -23.59 10.23 0.76
CA LEU A 257 -23.59 9.97 2.21
C LEU A 257 -24.46 8.79 2.68
N ALA A 258 -25.50 8.47 1.92
CA ALA A 258 -26.38 7.36 2.26
C ALA A 258 -25.65 6.04 1.95
N SER A 259 -24.92 6.00 0.83
CA SER A 259 -24.17 4.82 0.46
C SER A 259 -23.10 4.59 1.51
N ILE A 260 -22.41 5.66 1.87
CA ILE A 260 -21.35 5.58 2.85
C ILE A 260 -21.83 5.05 4.20
N LEU A 261 -22.77 5.76 4.82
CA LEU A 261 -23.29 5.35 6.14
C LEU A 261 -23.86 3.93 6.10
N LYS A 262 -24.55 3.62 5.01
CA LYS A 262 -25.17 2.31 4.77
C LYS A 262 -24.12 1.17 4.83
N VAL A 263 -23.04 1.36 4.08
CA VAL A 263 -21.96 0.40 4.04
C VAL A 263 -21.27 0.31 5.40
N GLU A 264 -21.02 1.47 6.01
CA GLU A 264 -20.36 1.49 7.32
C GLU A 264 -21.22 0.78 8.34
N LYS A 265 -22.51 0.66 8.04
CA LYS A 265 -23.43 -0.01 8.94
C LYS A 265 -23.30 -1.53 8.78
N ARG A 266 -23.18 -1.98 7.53
CA ARG A 266 -23.04 -3.40 7.24
C ARG A 266 -21.76 -3.92 7.88
N ARG A 267 -20.73 -3.07 7.91
CA ARG A 267 -19.46 -3.43 8.51
C ARG A 267 -19.58 -3.58 10.03
N PHE A 268 -20.24 -2.59 10.66
CA PHE A 268 -20.43 -2.64 12.11
C PHE A 268 -21.15 -3.94 12.42
N THR A 269 -22.06 -4.33 11.52
CA THR A 269 -22.80 -5.57 11.68
C THR A 269 -21.80 -6.71 11.73
N ALA A 270 -21.00 -6.84 10.68
CA ALA A 270 -20.00 -7.90 10.58
C ALA A 270 -19.06 -7.96 11.77
N PHE A 271 -18.80 -6.81 12.39
CA PHE A 271 -17.91 -6.74 13.56
C PHE A 271 -18.66 -6.31 14.81
N ARG A 272 -19.93 -6.70 14.91
CA ARG A 272 -20.77 -6.35 16.05
C ARG A 272 -20.05 -6.68 17.34
N GLU A 273 -19.14 -7.64 17.29
CA GLU A 273 -18.37 -8.04 18.47
C GLU A 273 -17.08 -7.23 18.51
N GLU A 274 -16.35 -7.25 17.39
CA GLU A 274 -15.08 -6.55 17.25
C GLU A 274 -15.14 -5.08 17.68
N TYR A 275 -15.73 -4.24 16.83
CA TYR A 275 -15.84 -2.81 17.11
C TYR A 275 -17.06 -2.49 17.98
N GLU A 276 -17.14 -3.16 19.13
CA GLU A 276 -18.25 -2.94 20.05
C GLU A 276 -17.77 -2.14 21.24
N GLY A 277 -18.41 -1.01 21.47
CA GLY A 277 -18.04 -0.13 22.55
C GLY A 277 -17.02 0.83 21.98
N LYS A 278 -16.82 0.72 20.67
CA LYS A 278 -15.86 1.56 19.96
C LYS A 278 -16.33 1.99 18.58
N GLU A 279 -17.58 2.40 18.46
CA GLU A 279 -18.08 2.82 17.16
C GLU A 279 -17.25 4.02 16.71
N THR A 280 -16.81 4.82 17.68
CA THR A 280 -16.00 6.01 17.38
C THR A 280 -14.70 5.60 16.67
N ALA A 281 -14.15 4.46 17.03
CA ALA A 281 -12.92 3.97 16.42
C ALA A 281 -13.14 3.64 14.94
N LEU A 282 -14.29 3.08 14.64
CA LEU A 282 -14.63 2.74 13.27
C LEU A 282 -14.91 4.03 12.50
N LEU A 283 -15.42 5.04 13.20
CA LEU A 283 -15.75 6.31 12.56
C LEU A 283 -14.52 6.96 11.94
N VAL A 284 -13.36 6.77 12.57
CA VAL A 284 -12.14 7.36 12.05
C VAL A 284 -11.87 6.97 10.61
N ASP A 285 -11.94 5.69 10.29
CA ASP A 285 -11.70 5.25 8.91
C ASP A 285 -12.67 5.84 7.90
N ARG A 286 -13.63 6.63 8.35
CA ARG A 286 -14.58 7.23 7.44
C ARG A 286 -14.03 8.58 6.98
N TYR A 287 -13.05 9.09 7.73
CA TYR A 287 -12.46 10.38 7.44
C TYR A 287 -10.98 10.39 7.04
N LYS A 288 -10.19 9.46 7.57
CA LYS A 288 -8.76 9.39 7.27
C LYS A 288 -8.44 9.20 5.78
N PHE A 289 -7.44 9.93 5.31
CA PHE A 289 -6.99 9.85 3.93
C PHE A 289 -5.48 9.84 4.01
N ASP A 291 -2.46 8.96 5.65
CA ASP A 291 -1.76 9.62 6.76
C ASP A 291 -2.38 10.86 7.40
N LEU A 292 -3.60 11.21 7.02
CA LEU A 292 -4.27 12.36 7.64
C LEU A 292 -5.36 11.77 8.54
N TYR A 293 -5.37 12.17 9.82
CA TYR A 293 -6.38 11.64 10.73
C TYR A 293 -7.28 12.69 11.41
N PRO A 294 -8.54 12.32 11.64
CA PRO A 294 -9.52 13.22 12.28
C PRO A 294 -9.12 13.58 13.72
N CYS A 295 -8.22 12.80 14.31
CA CYS A 295 -7.79 13.04 15.69
C CYS A 295 -6.27 12.96 15.85
N SER A 296 -5.78 13.41 17.00
CA SER A 296 -4.35 13.36 17.29
C SER A 296 -3.98 11.92 17.65
N ALA A 297 -2.69 11.60 17.69
CA ALA A 297 -2.27 10.24 18.01
C ALA A 297 -2.78 9.78 19.39
N SER A 298 -2.43 10.55 20.41
CA SER A 298 -2.85 10.23 21.77
C SER A 298 -4.38 10.16 21.85
N GLU A 299 -5.02 11.14 21.25
CA GLU A 299 -6.48 11.21 21.24
C GLU A 299 -7.01 10.02 20.49
N LEU A 300 -6.26 9.60 19.48
CA LEU A 300 -6.62 8.49 18.62
C LEU A 300 -6.49 7.13 19.27
N LYS A 301 -5.56 7.01 20.21
CA LYS A 301 -5.41 5.73 20.89
C LYS A 301 -6.38 5.65 22.05
N ALA A 302 -6.81 6.79 22.57
CA ALA A 302 -7.76 6.82 23.67
C ALA A 302 -9.15 6.41 23.19
N LEU A 303 -9.25 6.10 21.90
CA LEU A 303 -10.52 5.67 21.30
C LEU A 303 -10.36 4.18 21.04
N GLY A 304 -9.10 3.72 21.10
CA GLY A 304 -8.82 2.33 20.84
C GLY A 304 -8.87 2.10 19.36
N TYR A 305 -8.18 2.96 18.62
CA TYR A 305 -8.15 2.88 17.16
C TYR A 305 -6.93 2.13 16.64
N LYS A 306 -7.16 1.20 15.73
CA LYS A 306 -6.09 0.41 15.13
C LYS A 306 -6.34 0.38 13.62
N ASP A 307 -5.31 0.71 12.83
CA ASP A 307 -5.43 0.75 11.38
C ASP A 307 -4.57 -0.23 10.57
N VAL A 308 -5.15 -0.75 9.48
CA VAL A 308 -4.47 -1.69 8.59
C VAL A 308 -3.19 -1.08 8.04
N THR B 1 -3.01 7.57 30.17
CA THR B 1 -2.99 7.36 31.62
C THR B 1 -3.99 6.26 32.01
N PRO B 2 -3.52 5.25 32.76
CA PRO B 2 -4.35 4.12 33.21
C PRO B 2 -5.62 4.54 33.96
N GLN B 3 -5.47 5.49 34.88
CA GLN B 3 -6.60 5.99 35.66
C GLN B 3 -7.74 6.41 34.74
N GLU B 4 -7.43 7.35 33.85
CA GLU B 4 -8.36 7.89 32.88
C GLU B 4 -9.12 6.77 32.16
N ALA B 5 -8.37 5.84 31.59
CA ALA B 5 -8.93 4.72 30.85
C ALA B 5 -9.92 3.92 31.68
N GLN B 6 -9.59 3.73 32.96
CA GLN B 6 -10.45 2.98 33.87
C GLN B 6 -11.83 3.61 34.02
N GLN B 7 -11.84 4.93 34.16
CA GLN B 7 -13.08 5.68 34.33
C GLN B 7 -13.96 5.66 33.11
N VAL B 8 -13.36 5.82 31.94
CA VAL B 8 -14.12 5.80 30.70
C VAL B 8 -14.82 4.46 30.60
N ASP B 9 -14.05 3.38 30.74
CA ASP B 9 -14.58 2.03 30.69
C ASP B 9 -15.72 1.90 31.71
N TRP B 11 -17.62 4.22 33.18
CA TRP B 11 -18.82 4.94 32.75
C TRP B 11 -19.51 4.33 31.53
N LYS B 12 -18.72 3.96 30.53
CA LYS B 12 -19.28 3.37 29.31
C LYS B 12 -20.14 2.18 29.72
N LYS B 13 -19.66 1.39 30.67
CA LYS B 13 -20.42 0.24 31.13
C LYS B 13 -21.74 0.68 31.76
N TYR B 14 -21.66 1.65 32.67
CA TYR B 14 -22.88 2.15 33.31
C TYR B 14 -23.84 2.56 32.22
N ILE B 15 -23.44 3.56 31.44
CA ILE B 15 -24.26 4.07 30.35
C ILE B 15 -24.86 2.90 29.58
N GLN B 16 -24.03 1.90 29.28
CA GLN B 16 -24.48 0.74 28.54
C GLN B 16 -25.55 0.01 29.33
N TRP B 17 -25.30 -0.19 30.62
CA TRP B 17 -26.25 -0.86 31.47
C TRP B 17 -27.61 -0.17 31.40
N GLU B 18 -27.58 1.16 31.48
CA GLU B 18 -28.80 1.96 31.42
C GLU B 18 -29.47 1.80 30.06
N LYS B 19 -28.69 1.45 29.05
CA LYS B 19 -29.22 1.27 27.69
C LYS B 19 -30.01 -0.02 27.58
N SER B 20 -29.74 -0.96 28.47
CA SER B 20 -30.43 -2.25 28.45
C SER B 20 -31.82 -2.15 29.04
N ASN B 21 -32.12 -1.01 29.67
CA ASN B 21 -33.42 -0.83 30.29
C ASN B 21 -33.66 -2.00 31.24
N PRO B 22 -32.86 -2.08 32.31
CA PRO B 22 -32.96 -3.16 33.31
C PRO B 22 -34.35 -3.34 33.90
N LEU B 23 -35.15 -2.28 33.87
CA LEU B 23 -36.51 -2.33 34.40
C LEU B 23 -37.49 -2.27 33.23
N ARG B 24 -37.42 -3.27 32.35
CA ARG B 24 -38.27 -3.35 31.16
C ARG B 24 -39.38 -2.29 31.12
N THR B 25 -39.25 -1.33 30.20
CA THR B 25 -40.24 -0.28 30.07
C THR B 25 -40.52 -0.04 28.61
N GLU B 26 -41.80 -0.10 28.22
CA GLU B 26 -42.15 0.10 26.83
C GLU B 26 -42.21 1.60 26.50
N ASP B 27 -41.58 2.39 27.36
CA ASP B 27 -41.52 3.82 27.16
C ASP B 27 -40.10 4.21 26.74
N GLN B 28 -39.86 4.24 25.43
CA GLN B 28 -38.55 4.58 24.89
C GLN B 28 -38.05 5.93 25.36
N THR B 29 -38.84 6.98 25.12
CA THR B 29 -38.47 8.35 25.49
C THR B 29 -37.98 8.44 26.93
N LEU B 30 -38.28 7.42 27.73
CA LEU B 30 -37.86 7.39 29.12
C LEU B 30 -36.52 6.65 29.18
N ILE B 31 -36.42 5.59 28.40
CA ILE B 31 -35.19 4.80 28.33
C ILE B 31 -34.12 5.76 27.85
N THR B 32 -34.46 6.57 26.85
CA THR B 32 -33.56 7.54 26.30
C THR B 32 -33.10 8.50 27.41
N LYS B 33 -34.06 9.16 28.04
CA LYS B 33 -33.74 10.12 29.09
C LYS B 33 -32.82 9.52 30.15
N ARG B 34 -33.12 8.30 30.59
CA ARG B 34 -32.28 7.67 31.60
C ARG B 34 -30.88 7.50 31.06
N VAL B 35 -30.76 7.08 29.81
CA VAL B 35 -29.46 6.89 29.18
C VAL B 35 -28.76 8.23 28.97
N PHE B 37 -29.26 10.92 30.70
CA PHE B 37 -28.89 11.45 32.01
C PHE B 37 -27.54 10.85 32.38
N ALA B 38 -27.37 9.56 32.08
CA ALA B 38 -26.13 8.86 32.35
C ALA B 38 -25.00 9.53 31.58
N TYR B 39 -25.22 9.75 30.28
CA TYR B 39 -24.23 10.40 29.43
C TYR B 39 -23.87 11.77 29.99
N GLU B 40 -24.90 12.57 30.25
CA GLU B 40 -24.69 13.93 30.78
C GLU B 40 -23.74 13.95 31.97
N GLN B 41 -23.98 13.10 32.96
CA GLN B 41 -23.11 13.07 34.11
C GLN B 41 -21.69 12.72 33.69
N CYS B 42 -21.57 11.89 32.67
CA CYS B 42 -20.26 11.46 32.16
C CYS B 42 -19.54 12.60 31.44
N LEU B 43 -20.26 13.28 30.56
CA LEU B 43 -19.71 14.40 29.80
C LEU B 43 -19.27 15.52 30.74
N LEU B 44 -19.90 15.56 31.91
CA LEU B 44 -19.59 16.59 32.89
C LEU B 44 -18.16 16.52 33.37
N VAL B 45 -17.57 15.32 33.35
CA VAL B 45 -16.21 15.10 33.82
C VAL B 45 -15.26 14.52 32.76
N LEU B 46 -15.81 14.01 31.67
CA LEU B 46 -14.99 13.44 30.62
C LEU B 46 -15.32 14.08 29.27
N GLY B 47 -15.59 15.38 29.30
CA GLY B 47 -15.93 16.09 28.09
C GLY B 47 -14.83 16.15 27.07
N HIS B 48 -13.60 15.82 27.50
CA HIS B 48 -12.46 15.84 26.60
C HIS B 48 -12.27 14.55 25.79
N HIS B 49 -13.18 13.58 25.95
CA HIS B 49 -13.12 12.32 25.20
C HIS B 49 -14.14 12.37 24.08
N PRO B 50 -13.69 12.62 22.85
CA PRO B 50 -14.56 12.70 21.67
C PRO B 50 -15.57 11.56 21.56
N ASP B 51 -15.14 10.34 21.85
CA ASP B 51 -16.03 9.19 21.76
C ASP B 51 -17.31 9.35 22.56
N ILE B 52 -17.21 9.89 23.76
CA ILE B 52 -18.38 10.10 24.61
C ILE B 52 -19.42 11.00 23.95
N TRP B 53 -18.97 12.10 23.36
CA TRP B 53 -19.88 13.02 22.69
C TRP B 53 -20.57 12.34 21.49
N TYR B 54 -19.75 11.78 20.59
CA TYR B 54 -20.24 11.10 19.39
C TYR B 54 -21.22 9.97 19.72
N GLU B 55 -20.82 9.09 20.63
CA GLU B 55 -21.69 7.97 20.98
C GLU B 55 -23.02 8.43 21.55
N ALA B 56 -22.99 9.50 22.37
CA ALA B 56 -24.21 10.04 22.94
C ALA B 56 -25.02 10.58 21.78
N ALA B 57 -24.37 11.39 20.96
CA ALA B 57 -25.04 11.97 19.81
C ALA B 57 -25.65 10.91 18.91
N GLN B 58 -25.02 9.73 18.85
CA GLN B 58 -25.55 8.67 18.02
C GLN B 58 -26.77 8.03 18.63
N TYR B 59 -26.70 7.72 19.93
CA TYR B 59 -27.82 7.12 20.63
C TYR B 59 -29.08 7.94 20.37
N LEU B 60 -28.98 9.25 20.58
CA LEU B 60 -30.12 10.13 20.36
C LEU B 60 -30.62 9.97 18.94
N GLU B 61 -29.70 10.01 17.99
CA GLU B 61 -30.07 9.88 16.59
C GLU B 61 -30.83 8.58 16.35
N GLN B 62 -30.47 7.53 17.07
CA GLN B 62 -31.12 6.22 16.94
C GLN B 62 -32.45 6.17 17.66
N SER B 63 -32.53 6.82 18.81
CA SER B 63 -33.77 6.86 19.57
C SER B 63 -34.78 7.63 18.74
N SER B 64 -34.29 8.67 18.08
CA SER B 64 -35.13 9.50 17.22
C SER B 64 -35.65 8.69 16.04
N LYS B 65 -34.93 7.63 15.70
CA LYS B 65 -35.31 6.78 14.58
C LYS B 65 -36.28 5.69 15.01
N LEU B 66 -36.18 5.24 16.25
CA LEU B 66 -37.08 4.21 16.75
C LEU B 66 -38.44 4.82 17.05
N LEU B 67 -38.43 6.05 17.58
CA LEU B 67 -39.66 6.75 17.91
C LEU B 67 -40.40 7.18 16.65
N ALA B 68 -39.65 7.66 15.67
CA ALA B 68 -40.23 8.09 14.41
C ALA B 68 -40.68 6.88 13.60
N GLU B 69 -40.14 5.71 13.94
CA GLU B 69 -40.47 4.48 13.24
C GLU B 69 -41.74 3.85 13.77
N LYS B 70 -42.34 4.50 14.76
CA LYS B 70 -43.57 4.00 15.35
C LYS B 70 -44.68 5.04 15.30
N GLY B 71 -44.37 6.21 14.73
CA GLY B 71 -45.36 7.25 14.61
C GLY B 71 -45.13 8.50 15.46
N ASP B 72 -44.59 8.31 16.66
CA ASP B 72 -44.32 9.43 17.56
C ASP B 72 -43.36 10.42 16.90
N ASN B 74 -43.30 13.80 17.27
CA ASN B 74 -42.86 14.79 18.25
C ASN B 74 -41.49 14.47 18.84
N ASN B 75 -41.40 13.39 19.60
CA ASN B 75 -40.13 13.02 20.20
C ASN B 75 -39.06 12.75 19.14
N ALA B 76 -39.47 12.22 17.99
CA ALA B 76 -38.53 11.94 16.91
C ALA B 76 -37.76 13.22 16.57
N LYS B 77 -38.48 14.30 16.31
CA LYS B 77 -37.84 15.57 15.99
C LYS B 77 -37.12 16.12 17.21
N LEU B 78 -37.75 15.99 18.37
CA LEU B 78 -37.15 16.47 19.61
C LEU B 78 -35.76 15.89 19.79
N PHE B 79 -35.68 14.55 19.74
CA PHE B 79 -34.41 13.85 19.89
C PHE B 79 -33.44 14.10 18.74
N SER B 80 -33.97 14.33 17.54
CA SER B 80 -33.12 14.61 16.38
C SER B 80 -32.39 15.92 16.61
N ASP B 81 -33.14 16.99 16.85
CA ASP B 81 -32.56 18.29 17.10
C ASP B 81 -31.68 18.23 18.33
N GLU B 82 -31.96 17.30 19.23
CA GLU B 82 -31.16 17.17 20.44
C GLU B 82 -29.80 16.62 20.08
N ALA B 83 -29.77 15.59 19.26
CA ALA B 83 -28.51 15.00 18.83
C ALA B 83 -27.60 16.11 18.29
N ALA B 84 -28.18 16.98 17.45
CA ALA B 84 -27.44 18.08 16.86
C ALA B 84 -26.80 19.00 17.90
N ASN B 85 -27.53 19.32 18.97
CA ASN B 85 -26.97 20.19 19.99
C ASN B 85 -25.84 19.52 20.79
N ILE B 86 -25.79 18.19 20.78
CA ILE B 86 -24.73 17.48 21.47
C ILE B 86 -23.45 17.78 20.71
N TYR B 87 -23.54 17.73 19.37
CA TYR B 87 -22.37 18.04 18.56
C TYR B 87 -22.04 19.50 18.82
N GLU B 88 -23.06 20.35 18.69
CA GLU B 88 -22.90 21.77 18.89
C GLU B 88 -22.22 22.09 20.22
N ARG B 89 -22.58 21.40 21.29
CA ARG B 89 -21.97 21.63 22.60
C ARG B 89 -20.53 21.14 22.66
N ALA B 90 -20.28 20.00 22.00
CA ALA B 90 -18.97 19.38 21.96
C ALA B 90 -17.89 20.22 21.28
N ILE B 91 -18.26 21.03 20.28
CA ILE B 91 -17.25 21.84 19.61
C ILE B 91 -17.20 23.26 20.14
N SER B 92 -18.24 23.64 20.87
CA SER B 92 -18.32 24.99 21.45
C SER B 92 -17.63 25.11 22.80
N THR B 93 -17.28 23.98 23.42
CA THR B 93 -16.67 24.01 24.74
C THR B 93 -15.30 23.41 24.93
N LEU B 94 -15.28 22.10 25.17
CA LEU B 94 -14.06 21.36 25.44
C LEU B 94 -13.30 20.85 24.20
N LEU B 95 -14.00 20.69 23.09
CA LEU B 95 -13.34 20.21 21.88
C LEU B 95 -13.56 21.20 20.74
N LYS B 96 -13.21 22.46 21.00
CA LYS B 96 -13.38 23.53 20.03
C LYS B 96 -12.78 23.30 18.64
N LYS B 97 -11.67 22.57 18.56
CA LYS B 97 -11.02 22.31 17.28
C LYS B 97 -10.82 20.83 16.98
N ASN B 98 -11.80 20.00 17.32
CA ASN B 98 -11.68 18.57 17.09
C ASN B 98 -12.36 18.17 15.79
N LEU B 100 -12.82 15.21 14.09
CA LEU B 100 -13.77 14.10 14.00
C LEU B 100 -15.19 14.56 14.31
N LEU B 101 -15.33 15.36 15.37
CA LEU B 101 -16.66 15.85 15.74
C LEU B 101 -17.26 16.81 14.72
N TYR B 102 -16.44 17.74 14.23
CA TYR B 102 -16.91 18.70 13.23
C TYR B 102 -17.40 17.92 12.03
N PHE B 103 -16.64 16.88 11.63
CA PHE B 103 -17.02 16.07 10.47
C PHE B 103 -18.28 15.26 10.76
N ALA B 104 -18.36 14.65 11.93
CA ALA B 104 -19.53 13.86 12.31
C ALA B 104 -20.75 14.77 12.39
N TYR B 105 -20.53 15.97 12.92
CA TYR B 105 -21.59 16.98 13.06
C TYR B 105 -22.07 17.32 11.64
N ALA B 106 -21.12 17.77 10.81
CA ALA B 106 -21.40 18.13 9.43
C ALA B 106 -22.14 17.03 8.72
N ASP B 107 -21.65 15.81 8.85
CA ASP B 107 -22.25 14.64 8.21
C ASP B 107 -23.70 14.43 8.70
N TYR B 108 -23.92 14.64 9.99
CA TYR B 108 -25.25 14.47 10.55
C TYR B 108 -26.18 15.53 9.98
N GLU B 109 -25.75 16.79 10.06
CA GLU B 109 -26.57 17.88 9.54
C GLU B 109 -26.81 17.69 8.06
N GLU B 110 -25.87 17.02 7.39
CA GLU B 110 -25.99 16.79 5.96
C GLU B 110 -27.05 15.75 5.64
N SER B 111 -27.19 14.75 6.52
CA SER B 111 -28.19 13.71 6.32
C SER B 111 -29.57 14.29 6.56
N ARG B 112 -29.63 15.43 7.26
CA ARG B 112 -30.90 16.08 7.53
C ARG B 112 -31.19 17.18 6.53
N LYS B 114 -29.70 19.86 5.94
CA LYS B 114 -29.39 21.21 6.35
C LYS B 114 -28.04 21.71 5.82
N TYR B 115 -27.96 21.84 4.49
CA TYR B 115 -26.72 22.27 3.82
C TYR B 115 -26.12 23.60 4.26
N GLU B 116 -26.93 24.63 4.51
CA GLU B 116 -26.36 25.91 4.94
C GLU B 116 -25.68 25.63 6.27
N LYS B 117 -26.35 24.84 7.09
CA LYS B 117 -25.83 24.49 8.39
C LYS B 117 -24.47 23.81 8.22
N VAL B 118 -24.40 22.89 7.26
CA VAL B 118 -23.16 22.17 6.94
C VAL B 118 -22.06 23.15 6.54
N HIS B 119 -22.32 23.96 5.52
CA HIS B 119 -21.35 24.94 5.07
C HIS B 119 -20.81 25.74 6.23
N SER B 120 -21.68 26.04 7.19
CA SER B 120 -21.27 26.82 8.36
C SER B 120 -20.26 26.08 9.22
N ILE B 121 -20.53 24.80 9.47
CA ILE B 121 -19.63 24.03 10.30
C ILE B 121 -18.24 23.90 9.69
N TYR B 122 -18.15 23.48 8.42
CA TYR B 122 -16.85 23.36 7.77
C TYR B 122 -16.11 24.69 7.82
N ASN B 123 -16.87 25.77 7.67
CA ASN B 123 -16.26 27.08 7.68
C ASN B 123 -15.85 27.53 9.07
N ARG B 124 -16.64 27.19 10.08
CA ARG B 124 -16.30 27.56 11.46
C ARG B 124 -14.95 26.93 11.79
N LEU B 125 -14.76 25.70 11.30
CA LEU B 125 -13.52 24.97 11.53
C LEU B 125 -12.35 25.56 10.76
N LEU B 126 -12.56 25.82 9.47
CA LEU B 126 -11.51 26.39 8.64
C LEU B 126 -11.15 27.73 9.22
N ALA B 127 -12.15 28.36 9.85
CA ALA B 127 -12.02 29.68 10.47
C ALA B 127 -11.03 29.69 11.60
N ILE B 128 -10.81 28.52 12.21
CA ILE B 128 -9.85 28.42 13.29
C ILE B 128 -8.47 28.47 12.67
N GLU B 129 -7.67 29.44 13.08
CA GLU B 129 -6.35 29.63 12.54
C GLU B 129 -5.36 28.49 12.68
N ASP B 130 -5.08 28.06 13.91
CA ASP B 130 -4.08 27.01 14.07
C ASP B 130 -4.55 25.56 14.04
N ILE B 131 -4.66 25.04 12.82
CA ILE B 131 -5.05 23.67 12.56
C ILE B 131 -4.53 23.38 11.16
N ASP B 132 -4.57 22.12 10.75
CA ASP B 132 -4.16 21.70 9.41
C ASP B 132 -5.48 21.52 8.66
N PRO B 133 -5.84 22.47 7.79
CA PRO B 133 -7.08 22.41 7.02
C PRO B 133 -7.16 21.33 5.94
N THR B 134 -6.00 20.81 5.54
CA THR B 134 -5.94 19.81 4.48
C THR B 134 -7.09 18.79 4.48
N LEU B 135 -7.23 18.03 5.56
CA LEU B 135 -8.31 17.04 5.61
C LEU B 135 -9.70 17.69 5.67
N VAL B 136 -9.77 18.90 6.21
CA VAL B 136 -11.05 19.62 6.29
C VAL B 136 -11.52 19.97 4.88
N TYR B 137 -10.60 20.44 4.03
CA TYR B 137 -10.97 20.76 2.65
C TYR B 137 -11.36 19.51 1.89
N ILE B 138 -10.64 18.43 2.16
CA ILE B 138 -10.95 17.17 1.49
C ILE B 138 -12.39 16.78 1.80
N GLN B 139 -12.79 16.86 3.07
CA GLN B 139 -14.16 16.51 3.43
C GLN B 139 -15.16 17.51 2.84
N TYR B 140 -14.82 18.79 2.88
CA TYR B 140 -15.70 19.83 2.35
C TYR B 140 -15.95 19.56 0.87
N LYS B 142 -15.78 16.78 -0.76
CA LYS B 142 -16.62 15.59 -0.86
C LYS B 142 -18.07 16.02 -0.70
N PHE B 143 -18.34 16.79 0.35
CA PHE B 143 -19.70 17.25 0.60
C PHE B 143 -20.17 18.10 -0.58
N ALA B 144 -19.36 19.09 -0.94
CA ALA B 144 -19.70 19.97 -2.04
C ALA B 144 -20.05 19.23 -3.31
N ARG B 145 -19.41 18.09 -3.54
CA ARG B 145 -19.69 17.33 -4.75
C ARG B 145 -21.03 16.61 -4.71
N ARG B 146 -21.22 15.74 -3.73
CA ARG B 146 -22.48 14.99 -3.59
C ARG B 146 -23.72 15.87 -3.51
N ALA B 147 -23.65 16.92 -2.69
CA ALA B 147 -24.78 17.80 -2.48
C ALA B 147 -25.01 18.88 -3.53
N GLU B 148 -23.96 19.61 -3.89
CA GLU B 148 -24.14 20.69 -4.86
C GLU B 148 -23.59 20.44 -6.25
N GLY B 149 -22.67 19.48 -6.40
CA GLY B 149 -22.16 19.19 -7.73
C GLY B 149 -20.69 19.50 -8.00
N ILE B 150 -20.16 18.87 -9.04
CA ILE B 150 -18.77 19.03 -9.44
C ILE B 150 -18.30 20.48 -9.55
N LYS B 151 -19.14 21.35 -10.11
CA LYS B 151 -18.75 22.76 -10.23
C LYS B 151 -18.54 23.36 -8.84
N SER B 152 -19.25 22.81 -7.86
CA SER B 152 -19.14 23.29 -6.48
C SER B 152 -17.88 22.74 -5.85
N GLY B 153 -17.57 21.48 -6.15
CA GLY B 153 -16.38 20.87 -5.60
C GLY B 153 -15.16 21.65 -6.00
N ARG B 154 -15.06 21.95 -7.29
CA ARG B 154 -13.92 22.70 -7.82
C ARG B 154 -13.76 24.02 -7.10
N ILE B 156 -14.51 24.53 -3.78
CA ILE B 156 -13.86 24.27 -2.50
C ILE B 156 -12.38 23.96 -2.74
N PHE B 157 -12.07 23.32 -3.87
CA PHE B 157 -10.68 23.02 -4.18
C PHE B 157 -9.89 24.30 -4.41
N LYS B 158 -10.55 25.30 -4.97
CA LYS B 158 -9.90 26.57 -5.21
C LYS B 158 -9.53 27.17 -3.85
N LYS B 159 -10.53 27.25 -2.97
CA LYS B 159 -10.28 27.78 -1.63
C LYS B 159 -9.15 26.99 -0.97
N ALA B 160 -9.19 25.67 -1.12
CA ALA B 160 -8.17 24.80 -0.56
C ALA B 160 -6.78 25.23 -1.02
N ARG B 161 -6.63 25.54 -2.30
CA ARG B 161 -5.33 25.98 -2.81
C ARG B 161 -4.99 27.39 -2.32
N GLU B 162 -5.98 28.28 -2.36
CA GLU B 162 -5.81 29.65 -1.90
C GLU B 162 -5.27 29.71 -0.46
N ASP B 163 -5.63 28.72 0.35
CA ASP B 163 -5.24 28.62 1.76
C ASP B 163 -3.78 28.14 1.90
N ALA B 164 -2.91 29.03 2.39
CA ALA B 164 -1.50 28.71 2.57
C ALA B 164 -1.19 27.56 3.53
N ARG B 165 -2.17 27.11 4.30
CA ARG B 165 -1.93 26.03 5.25
C ARG B 165 -2.11 24.65 4.62
N THR B 166 -2.87 24.59 3.54
CA THR B 166 -3.14 23.33 2.87
C THR B 166 -1.88 22.61 2.42
N ARG B 167 -1.94 21.28 2.42
CA ARG B 167 -0.82 20.46 1.98
C ARG B 167 -1.21 19.72 0.70
N HIS B 168 -0.27 18.99 0.11
CA HIS B 168 -0.54 18.30 -1.16
C HIS B 168 -1.75 17.37 -1.25
N HIS B 169 -2.14 16.74 -0.15
CA HIS B 169 -3.27 15.80 -0.20
C HIS B 169 -4.49 16.31 -0.94
N VAL B 170 -4.71 17.61 -0.89
CA VAL B 170 -5.87 18.17 -1.56
C VAL B 170 -5.79 18.04 -3.07
N TYR B 171 -4.58 18.15 -3.64
CA TYR B 171 -4.45 18.01 -5.08
C TYR B 171 -4.78 16.58 -5.49
N VAL B 172 -4.25 15.62 -4.75
CA VAL B 172 -4.52 14.23 -5.05
C VAL B 172 -6.03 14.04 -5.05
N THR B 173 -6.71 14.55 -4.02
CA THR B 173 -8.15 14.40 -3.91
C THR B 173 -8.92 15.04 -5.06
N ALA B 174 -8.50 16.22 -5.48
CA ALA B 174 -9.16 16.91 -6.58
C ALA B 174 -8.89 16.12 -7.87
N ALA B 175 -7.62 15.86 -8.15
CA ALA B 175 -7.25 15.12 -9.35
C ALA B 175 -8.06 13.82 -9.51
N LEU B 176 -8.08 13.00 -8.48
CA LEU B 176 -8.81 11.73 -8.54
C LEU B 176 -10.29 11.95 -8.63
N GLU B 178 -11.76 14.34 -10.25
CA GLU B 178 -11.98 14.63 -11.66
C GLU B 178 -11.91 13.33 -12.44
N TYR B 179 -11.04 12.42 -12.02
CA TYR B 179 -10.92 11.14 -12.69
C TYR B 179 -12.08 10.21 -12.40
N TYR B 180 -12.27 9.88 -11.12
CA TYR B 180 -13.33 8.97 -10.71
C TYR B 180 -14.76 9.44 -10.89
N CYS B 181 -15.00 10.74 -10.79
CA CYS B 181 -16.35 11.26 -10.94
C CYS B 181 -16.55 11.89 -12.33
N SER B 182 -15.74 12.89 -12.64
CA SER B 182 -15.85 13.55 -13.94
C SER B 182 -15.39 12.68 -15.11
N LYS B 183 -14.76 11.56 -14.82
CA LYS B 183 -14.26 10.67 -15.87
C LYS B 183 -13.44 11.49 -16.87
N ASP B 184 -12.76 12.50 -16.36
CA ASP B 184 -11.97 13.41 -17.19
C ASP B 184 -10.47 13.31 -16.92
N LYS B 185 -9.77 12.53 -17.74
CA LYS B 185 -8.32 12.35 -17.58
C LYS B 185 -7.56 13.65 -17.81
N SER B 186 -8.05 14.47 -18.74
CA SER B 186 -7.39 15.72 -19.07
C SER B 186 -7.23 16.65 -17.87
N VAL B 187 -8.28 16.77 -17.07
CA VAL B 187 -8.24 17.63 -15.90
C VAL B 187 -7.43 16.97 -14.79
N ALA B 188 -7.61 15.67 -14.61
CA ALA B 188 -6.85 14.94 -13.61
C ALA B 188 -5.35 15.23 -13.84
N PHE B 189 -4.95 15.21 -15.10
CA PHE B 189 -3.57 15.48 -15.46
C PHE B 189 -3.14 16.88 -15.01
N LYS B 190 -3.93 17.90 -15.37
CA LYS B 190 -3.58 19.26 -15.01
C LYS B 190 -3.39 19.46 -13.53
N ILE B 191 -4.39 19.05 -12.74
CA ILE B 191 -4.32 19.18 -11.28
C ILE B 191 -3.07 18.46 -10.76
N PHE B 192 -2.85 17.24 -11.21
CA PHE B 192 -1.67 16.50 -10.76
C PHE B 192 -0.41 17.25 -11.17
N GLU B 193 -0.45 17.83 -12.35
CA GLU B 193 0.70 18.57 -12.83
C GLU B 193 0.84 19.82 -12.02
N LEU B 194 -0.29 20.50 -11.85
CA LEU B 194 -0.31 21.73 -11.07
C LEU B 194 0.34 21.41 -9.72
N GLY B 195 -0.17 20.38 -9.06
CA GLY B 195 0.38 19.98 -7.78
C GLY B 195 1.85 19.60 -7.86
N LEU B 196 2.25 18.89 -8.91
CA LEU B 196 3.65 18.46 -9.05
C LEU B 196 4.67 19.61 -8.94
N LYS B 197 4.27 20.82 -9.33
CA LYS B 197 5.20 21.94 -9.26
C LYS B 197 5.51 22.30 -7.80
N LYS B 198 4.48 22.27 -6.96
CA LYS B 198 4.63 22.61 -5.55
C LYS B 198 5.19 21.49 -4.68
N TYR B 199 5.01 20.24 -5.10
CA TYR B 199 5.47 19.13 -4.27
C TYR B 199 6.33 18.05 -4.90
N GLY B 200 7.14 18.45 -5.89
CA GLY B 200 8.01 17.49 -6.55
C GLY B 200 8.98 16.89 -5.56
N ASP B 201 9.09 17.50 -4.39
CA ASP B 201 10.00 17.03 -3.36
C ASP B 201 9.35 16.14 -2.28
N ILE B 202 8.03 16.03 -2.32
CA ILE B 202 7.32 15.19 -1.36
C ILE B 202 7.09 13.79 -1.96
N PRO B 203 7.87 12.79 -1.52
CA PRO B 203 7.69 11.44 -2.06
C PRO B 203 6.26 10.91 -2.01
N GLU B 204 5.50 11.28 -0.97
CA GLU B 204 4.12 10.81 -0.83
C GLU B 204 3.25 11.30 -1.99
N TYR B 205 3.38 12.57 -2.34
CA TYR B 205 2.60 13.17 -3.42
C TYR B 205 2.96 12.57 -4.78
N VAL B 206 4.26 12.49 -5.03
CA VAL B 206 4.77 11.96 -6.27
C VAL B 206 4.30 10.51 -6.48
N LEU B 207 4.43 9.69 -5.44
CA LEU B 207 3.97 8.31 -5.53
C LEU B 207 2.47 8.25 -5.84
N ALA B 208 1.72 9.20 -5.29
CA ALA B 208 0.29 9.26 -5.54
C ALA B 208 0.05 9.47 -7.04
N TYR B 209 0.77 10.43 -7.61
CA TYR B 209 0.66 10.74 -9.03
C TYR B 209 1.04 9.51 -9.87
N ILE B 210 2.27 9.02 -9.67
CA ILE B 210 2.75 7.85 -10.40
C ILE B 210 1.70 6.74 -10.40
N ASP B 211 1.16 6.47 -9.22
CA ASP B 211 0.16 5.42 -9.10
C ASP B 211 -1.07 5.69 -9.97
N TYR B 212 -1.54 6.93 -10.00
CA TYR B 212 -2.70 7.26 -10.81
C TYR B 212 -2.39 6.99 -12.28
N LEU B 213 -1.32 7.63 -12.76
CA LEU B 213 -0.90 7.50 -14.12
C LEU B 213 -0.60 6.04 -14.48
N SER B 214 0.24 5.42 -13.67
CA SER B 214 0.61 4.06 -13.88
C SER B 214 -0.58 3.16 -14.22
N HIS B 215 -1.65 3.24 -13.43
CA HIS B 215 -2.82 2.40 -13.68
C HIS B 215 -3.57 2.70 -14.98
N LEU B 216 -3.22 3.80 -15.66
CA LEU B 216 -3.89 4.11 -16.93
C LEU B 216 -3.41 3.16 -18.03
N ASN B 217 -2.39 2.37 -17.71
CA ASN B 217 -1.84 1.38 -18.63
C ASN B 217 -1.32 1.82 -19.99
N GLU B 218 -0.58 2.92 -20.03
CA GLU B 218 0.02 3.43 -21.25
C GLU B 218 1.51 3.56 -20.96
N ASP B 219 2.21 2.48 -21.27
CA ASP B 219 3.65 2.34 -21.03
C ASP B 219 4.53 3.57 -21.09
N ASN B 220 4.71 4.10 -22.30
CA ASN B 220 5.59 5.25 -22.50
C ASN B 220 5.25 6.48 -21.64
N ASN B 221 3.97 6.74 -21.41
CA ASN B 221 3.59 7.89 -20.60
C ASN B 221 4.08 7.69 -19.17
N THR B 222 3.77 6.52 -18.62
CA THR B 222 4.19 6.17 -17.28
C THR B 222 5.71 6.34 -17.20
N ARG B 223 6.43 5.77 -18.18
CA ARG B 223 7.88 5.90 -18.17
C ARG B 223 8.34 7.35 -18.10
N VAL B 224 7.71 8.19 -18.92
CA VAL B 224 8.09 9.59 -18.96
C VAL B 224 7.92 10.21 -17.59
N LEU B 225 6.80 9.90 -16.93
CA LEU B 225 6.55 10.45 -15.61
C LEU B 225 7.67 10.07 -14.65
N PHE B 226 8.01 8.79 -14.63
CA PHE B 226 9.06 8.31 -13.76
C PHE B 226 10.34 9.10 -13.99
N GLU B 227 10.67 9.30 -15.26
CA GLU B 227 11.88 10.01 -15.65
C GLU B 227 11.88 11.44 -15.17
N ARG B 228 10.73 12.09 -15.22
CA ARG B 228 10.65 13.47 -14.78
C ARG B 228 10.77 13.51 -13.27
N VAL B 229 9.89 12.77 -12.61
CA VAL B 229 9.89 12.72 -11.17
C VAL B 229 11.27 12.46 -10.60
N LEU B 230 11.95 11.44 -11.10
CA LEU B 230 13.27 11.08 -10.60
C LEU B 230 14.43 11.91 -11.13
N THR B 231 14.26 12.51 -12.30
CA THR B 231 15.35 13.27 -12.91
C THR B 231 15.55 14.74 -12.59
N SER B 232 14.48 15.52 -12.50
CA SER B 232 14.64 16.93 -12.16
C SER B 232 15.21 16.89 -10.75
N GLY B 233 16.01 17.88 -10.38
CA GLY B 233 16.56 17.87 -9.04
C GLY B 233 15.55 18.03 -7.92
N SER B 234 14.33 18.42 -8.24
CA SER B 234 13.29 18.64 -7.23
C SER B 234 13.10 17.54 -6.17
N LEU B 235 13.45 16.30 -6.46
CA LEU B 235 13.27 15.25 -5.47
C LEU B 235 14.54 14.79 -4.78
N PRO B 236 14.78 15.27 -3.55
CA PRO B 236 15.98 14.90 -2.78
C PRO B 236 16.29 13.42 -2.93
N PRO B 237 17.47 13.10 -3.50
CA PRO B 237 17.97 11.75 -3.74
C PRO B 237 17.73 10.73 -2.65
N GLU B 238 17.92 11.12 -1.39
CA GLU B 238 17.73 10.18 -0.29
C GLU B 238 16.28 9.76 -0.08
N LYS B 239 15.37 10.46 -0.73
CA LYS B 239 13.95 10.17 -0.60
C LYS B 239 13.35 9.59 -1.89
N SER B 240 14.22 9.06 -2.75
CA SER B 240 13.81 8.49 -4.03
C SER B 240 13.67 6.98 -3.95
N GLY B 241 14.20 6.42 -2.86
CA GLY B 241 14.16 4.98 -2.66
C GLY B 241 12.96 4.25 -3.21
N GLU B 242 11.77 4.61 -2.76
CA GLU B 242 10.56 3.93 -3.21
C GLU B 242 10.24 4.15 -4.68
N ILE B 243 10.30 5.40 -5.14
CA ILE B 243 10.02 5.70 -6.56
C ILE B 243 10.84 4.78 -7.48
N TRP B 244 12.12 4.60 -7.15
CA TRP B 244 12.99 3.75 -7.94
C TRP B 244 12.51 2.31 -7.92
N ALA B 245 11.97 1.87 -6.79
CA ALA B 245 11.48 0.50 -6.71
C ALA B 245 10.21 0.35 -7.54
N ARG B 246 9.37 1.40 -7.59
CA ARG B 246 8.16 1.34 -8.39
C ARG B 246 8.65 1.23 -9.84
N PHE B 247 9.63 2.07 -10.17
CA PHE B 247 10.20 2.08 -11.51
C PHE B 247 10.74 0.71 -11.88
N LEU B 248 11.50 0.09 -10.99
CA LEU B 248 12.04 -1.23 -11.30
C LEU B 248 10.93 -2.25 -11.42
N ALA B 249 9.94 -2.15 -10.53
CA ALA B 249 8.82 -3.07 -10.54
C ALA B 249 8.08 -2.91 -11.86
N PHE B 250 7.86 -1.66 -12.24
CA PHE B 250 7.18 -1.34 -13.49
C PHE B 250 7.87 -2.01 -14.67
N GLU B 251 9.17 -1.75 -14.82
CA GLU B 251 9.90 -2.35 -15.92
C GLU B 251 9.78 -3.87 -15.84
N SER B 252 9.89 -4.40 -14.63
CA SER B 252 9.78 -5.84 -14.39
C SER B 252 8.46 -6.40 -14.93
N ASN B 253 7.40 -5.59 -14.87
CA ASN B 253 6.10 -6.05 -15.34
C ASN B 253 5.94 -6.00 -16.85
N ILE B 254 6.28 -4.86 -17.46
CA ILE B 254 6.12 -4.75 -18.91
C ILE B 254 7.36 -4.59 -19.80
N GLY B 255 8.56 -4.53 -19.22
CA GLY B 255 9.75 -4.37 -20.04
C GLY B 255 10.63 -5.61 -20.15
N ASP B 256 11.80 -5.46 -20.76
CA ASP B 256 12.72 -6.58 -20.89
C ASP B 256 13.83 -6.50 -19.83
N LEU B 257 14.65 -7.53 -19.76
CA LEU B 257 15.73 -7.58 -18.76
C LEU B 257 16.65 -6.38 -18.84
N ALA B 258 16.94 -5.92 -20.06
CA ALA B 258 17.83 -4.78 -20.25
C ALA B 258 17.34 -3.55 -19.46
N SER B 259 16.13 -3.11 -19.75
CA SER B 259 15.57 -1.94 -19.08
C SER B 259 15.51 -2.17 -17.57
N ILE B 260 15.24 -3.41 -17.16
CA ILE B 260 15.19 -3.70 -15.74
C ILE B 260 16.57 -3.35 -15.17
N LEU B 261 17.61 -3.98 -15.71
CA LEU B 261 18.97 -3.71 -15.26
C LEU B 261 19.37 -2.24 -15.41
N LYS B 262 18.91 -1.60 -16.47
CA LYS B 262 19.26 -0.20 -16.67
C LYS B 262 18.76 0.64 -15.51
N VAL B 263 17.50 0.43 -15.10
CA VAL B 263 16.91 1.16 -13.98
C VAL B 263 17.58 0.78 -12.68
N GLU B 264 17.96 -0.49 -12.54
CA GLU B 264 18.61 -0.94 -11.32
C GLU B 264 19.95 -0.22 -11.16
N LYS B 265 20.68 -0.04 -12.27
CA LYS B 265 21.97 0.64 -12.28
C LYS B 265 21.82 2.10 -11.87
N ARG B 266 20.75 2.73 -12.31
CA ARG B 266 20.53 4.13 -11.99
C ARG B 266 20.14 4.31 -10.54
N ARG B 267 19.45 3.31 -9.99
CA ARG B 267 19.01 3.30 -8.61
C ARG B 267 20.28 3.29 -7.75
N PHE B 268 21.14 2.32 -8.04
CA PHE B 268 22.41 2.14 -7.34
C PHE B 268 23.23 3.43 -7.44
N THR B 269 23.37 3.93 -8.65
CA THR B 269 24.11 5.15 -8.91
C THR B 269 23.63 6.31 -8.07
N ALA B 270 22.36 6.32 -7.73
CA ALA B 270 21.82 7.41 -6.94
C ALA B 270 21.92 7.13 -5.45
N PHE B 271 22.44 5.96 -5.11
CA PHE B 271 22.57 5.55 -3.71
C PHE B 271 23.91 4.92 -3.31
N ARG B 272 24.98 5.18 -4.06
CA ARG B 272 26.28 4.57 -3.72
C ARG B 272 26.49 4.47 -2.22
N GLU B 273 26.37 5.60 -1.53
CA GLU B 273 26.54 5.61 -0.08
C GLU B 273 25.61 4.56 0.50
N GLU B 274 24.33 4.93 0.59
CA GLU B 274 23.28 4.07 1.12
C GLU B 274 23.60 2.58 1.03
N TYR B 275 23.32 1.95 -0.10
CA TYR B 275 23.60 0.53 -0.25
C TYR B 275 24.94 0.33 -0.93
N GLU B 276 25.99 0.25 -0.11
CA GLU B 276 27.34 0.04 -0.62
C GLU B 276 27.90 -1.20 0.06
N GLY B 277 28.33 -2.17 -0.73
CA GLY B 277 28.83 -3.40 -0.16
C GLY B 277 27.61 -4.15 0.34
N LYS B 278 26.45 -3.70 -0.13
CA LYS B 278 25.15 -4.28 0.20
C LYS B 278 24.37 -4.34 -1.09
N GLU B 279 25.10 -4.54 -2.18
CA GLU B 279 24.50 -4.62 -3.51
C GLU B 279 23.48 -5.74 -3.52
N THR B 280 23.77 -6.82 -2.81
CA THR B 280 22.89 -7.97 -2.77
C THR B 280 21.50 -7.62 -2.19
N ALA B 281 21.46 -6.79 -1.16
CA ALA B 281 20.20 -6.38 -0.55
C ALA B 281 19.29 -5.70 -1.57
N LEU B 282 19.88 -4.99 -2.52
CA LEU B 282 19.09 -4.31 -3.54
C LEU B 282 18.54 -5.35 -4.52
N LEU B 283 19.36 -6.34 -4.85
CA LEU B 283 18.93 -7.39 -5.76
C LEU B 283 17.60 -7.98 -5.26
N VAL B 284 17.42 -8.00 -3.94
CA VAL B 284 16.19 -8.54 -3.37
C VAL B 284 14.96 -7.85 -3.97
N ASP B 285 14.99 -6.53 -4.05
CA ASP B 285 13.86 -5.78 -4.59
C ASP B 285 13.55 -6.06 -6.05
N ARG B 286 14.44 -6.76 -6.71
CA ARG B 286 14.26 -7.11 -8.11
C ARG B 286 13.31 -8.30 -8.21
N TYR B 287 13.23 -9.07 -7.14
CA TYR B 287 12.39 -10.27 -7.13
C TYR B 287 11.15 -10.27 -6.25
N LYS B 288 11.21 -9.55 -5.12
CA LYS B 288 10.09 -9.53 -4.18
C LYS B 288 8.75 -9.17 -4.82
N PHE B 289 7.71 -9.86 -4.37
CA PHE B 289 6.38 -9.59 -4.88
C PHE B 289 5.35 -9.68 -3.77
N ASP B 291 4.84 -9.32 -0.50
CA ASP B 291 5.06 -10.21 0.64
C ASP B 291 5.84 -11.50 0.43
N LEU B 292 6.21 -11.79 -0.81
CA LEU B 292 7.01 -12.98 -1.09
C LEU B 292 8.43 -12.48 -1.31
N TYR B 293 9.38 -13.02 -0.55
CA TYR B 293 10.77 -12.61 -0.67
C TYR B 293 11.65 -13.74 -1.13
N PRO B 294 12.75 -13.43 -1.85
CA PRO B 294 13.67 -14.45 -2.36
C PRO B 294 14.45 -15.14 -1.26
N CYS B 295 14.41 -14.60 -0.05
CA CYS B 295 15.18 -15.21 1.04
C CYS B 295 14.36 -15.30 2.32
N SER B 296 14.93 -15.96 3.33
CA SER B 296 14.27 -16.09 4.62
C SER B 296 14.56 -14.81 5.40
N ALA B 297 13.60 -14.39 6.24
CA ALA B 297 13.76 -13.17 7.03
C ALA B 297 15.16 -13.04 7.63
N SER B 298 15.67 -14.14 8.19
CA SER B 298 16.99 -14.11 8.79
C SER B 298 18.04 -13.88 7.71
N GLU B 299 17.90 -14.58 6.59
CA GLU B 299 18.84 -14.44 5.50
C GLU B 299 18.78 -13.01 4.99
N LEU B 300 17.58 -12.45 4.96
CA LEU B 300 17.39 -11.08 4.52
C LEU B 300 18.08 -10.18 5.51
N LYS B 301 18.07 -10.57 6.78
CA LYS B 301 18.70 -9.78 7.83
C LYS B 301 20.19 -9.64 7.58
N ALA B 302 20.86 -10.77 7.39
CA ALA B 302 22.30 -10.75 7.15
C ALA B 302 22.70 -9.89 5.96
N LEU B 303 21.82 -9.78 4.96
CA LEU B 303 22.14 -8.97 3.78
C LEU B 303 22.01 -7.48 4.06
N GLY B 304 21.52 -7.13 5.24
CA GLY B 304 21.33 -5.73 5.57
C GLY B 304 20.20 -5.17 4.75
N TYR B 305 19.16 -5.97 4.59
CA TYR B 305 17.99 -5.59 3.80
C TYR B 305 16.94 -4.83 4.58
N LYS B 306 16.52 -3.70 4.04
CA LYS B 306 15.45 -2.89 4.64
C LYS B 306 14.43 -2.73 3.49
N ASP B 307 13.15 -2.66 3.81
CA ASP B 307 12.12 -2.55 2.77
C ASP B 307 11.64 -1.12 2.53
N VAL B 308 12.06 -0.54 1.40
CA VAL B 308 11.66 0.83 1.04
C VAL B 308 10.20 0.85 0.57
#